data_4M4Q
#
_entry.id   4M4Q
#
_cell.length_a   87.492
_cell.length_b   100.828
_cell.length_c   66.616
_cell.angle_alpha   90.00
_cell.angle_beta   90.00
_cell.angle_gamma   90.00
#
_symmetry.space_group_name_H-M   'C 2 2 21'
#
loop_
_entity.id
_entity.type
_entity.pdbx_description
1 polymer 'Polymerase PA'
2 non-polymer 'MANGANESE (II) ION'
3 non-polymer 'SULFATE ION'
4 non-polymer 6-(4-fluorophenyl)-5-[4-(1H-tetrazol-5-yl)phenyl]pyridine-2,3-diol
5 non-polymer 'MAGNESIUM ION'
6 water water
#
_entity_poly.entity_id   1
_entity_poly.type   'polypeptide(L)'
_entity_poly.pdbx_seq_one_letter_code
;MAHHHHHHSRAWRHPQFGGHHHHHHALEVLFQGPLGSMEDFVRQCFNPMIVELAEKAMKEYGEDPKIETNKFAAICTHLE
VCFMYSDFHFIDERGESIIVESGDPNALLKHRFEIIEGRDRIMAWTVVNSICNTTGVEKPKFLPDLYDYKENRFIEIGVT
RREVHIYYLEKANKIKSEKTHIHIFSFTGEEMATKADYTLDEESRARIKTRLFTIRQEMASRSLWDSFRQSERGEETVEE
R
;
_entity_poly.pdbx_strand_id   A
#
loop_
_chem_comp.id
_chem_comp.type
_chem_comp.name
_chem_comp.formula
21A non-polymer 6-(4-fluorophenyl)-5-[4-(1H-tetrazol-5-yl)phenyl]pyridine-2,3-diol 'C18 H12 F N5 O2'
MG non-polymer 'MAGNESIUM ION' 'Mg 2'
MN non-polymer 'MANGANESE (II) ION' 'Mn 2'
SO4 non-polymer 'SULFATE ION' 'O4 S -2'
#
# COMPACT_ATOMS: atom_id res chain seq x y z
N GLY A 33 5.49 -30.40 -6.22
CA GLY A 33 6.43 -29.95 -5.22
C GLY A 33 5.87 -30.07 -3.81
N PRO A 34 6.74 -29.90 -2.81
CA PRO A 34 6.29 -29.90 -1.42
C PRO A 34 5.58 -28.60 -1.07
N LEU A 35 4.59 -28.66 -0.20
CA LEU A 35 3.90 -27.46 0.24
C LEU A 35 4.63 -26.78 1.39
N GLY A 36 5.06 -25.54 1.16
CA GLY A 36 5.71 -24.75 2.18
C GLY A 36 4.67 -24.12 3.08
N SER A 37 5.11 -23.50 4.17
CA SER A 37 4.20 -22.69 4.98
C SER A 37 4.23 -21.23 4.53
N MET A 38 3.05 -20.61 4.52
CA MET A 38 2.94 -19.20 4.18
C MET A 38 3.67 -18.34 5.20
N GLU A 39 3.68 -18.78 6.45
CA GLU A 39 4.44 -18.12 7.50
C GLU A 39 5.91 -17.98 7.10
N ASP A 40 6.50 -19.09 6.67
CA ASP A 40 7.91 -19.13 6.26
C ASP A 40 8.16 -18.16 5.10
N PHE A 41 7.25 -18.17 4.13
CA PHE A 41 7.37 -17.35 2.93
C PHE A 41 7.38 -15.86 3.24
N VAL A 42 6.43 -15.44 4.07
CA VAL A 42 6.29 -14.05 4.48
C VAL A 42 7.54 -13.51 5.16
N ARG A 43 8.08 -14.27 6.10
CA ARG A 43 9.25 -13.82 6.85
C ARG A 43 10.53 -13.81 6.02
N GLN A 44 10.56 -14.66 4.99
CA GLN A 44 11.73 -14.76 4.12
C GLN A 44 11.75 -13.73 2.99
N CYS A 45 10.58 -13.41 2.47
CA CYS A 45 10.47 -12.57 1.26
C CYS A 45 10.06 -11.13 1.52
N PHE A 46 9.70 -10.81 2.76
CA PHE A 46 9.45 -9.42 3.13
C PHE A 46 10.46 -8.98 4.19
N ASN A 47 10.80 -7.69 4.17
CA ASN A 47 11.75 -7.16 5.12
C ASN A 47 11.12 -7.17 6.51
N PRO A 48 11.95 -7.30 7.56
CA PRO A 48 11.47 -7.51 8.94
C PRO A 48 10.59 -6.38 9.44
N MET A 49 10.83 -5.17 8.94
CA MET A 49 10.01 -4.02 9.32
C MET A 49 8.57 -4.15 8.87
N ILE A 50 8.37 -4.61 7.63
CA ILE A 50 7.04 -4.86 7.09
C ILE A 50 6.31 -5.91 7.92
N VAL A 51 6.98 -7.04 8.12
CA VAL A 51 6.45 -8.15 8.89
C VAL A 51 6.05 -7.72 10.30
N GLU A 52 6.92 -6.98 10.96
CA GLU A 52 6.66 -6.52 12.32
C GLU A 52 5.45 -5.61 12.39
N LEU A 53 5.38 -4.63 11.49
CA LEU A 53 4.21 -3.74 11.40
C LEU A 53 2.93 -4.52 11.12
N ALA A 54 3.04 -5.54 10.28
CA ALA A 54 1.90 -6.40 9.95
C ALA A 54 1.43 -7.21 11.15
N GLU A 55 2.36 -7.81 11.86
CA GLU A 55 2.06 -8.56 13.08
C GLU A 55 1.33 -7.70 14.11
N LYS A 56 1.80 -6.47 14.28
CA LYS A 56 1.22 -5.54 15.26
C LYS A 56 -0.22 -5.17 14.88
N ALA A 57 -0.42 -4.87 13.60
CA ALA A 57 -1.75 -4.56 13.07
C ALA A 57 -2.75 -5.69 13.30
N MET A 58 -2.36 -6.92 12.96
CA MET A 58 -3.24 -8.06 13.17
C MET A 58 -3.57 -8.22 14.65
N LYS A 59 -2.54 -8.18 15.50
CA LYS A 59 -2.73 -8.24 16.94
C LYS A 59 -3.71 -7.16 17.39
N GLU A 60 -3.53 -5.96 16.86
CA GLU A 60 -4.35 -4.81 17.22
C GLU A 60 -5.83 -5.08 16.96
N TYR A 61 -6.09 -5.81 15.87
CA TYR A 61 -7.45 -6.17 15.49
C TYR A 61 -7.79 -7.55 16.03
N GLY A 62 -6.89 -8.12 16.83
CA GLY A 62 -7.16 -9.38 17.48
C GLY A 62 -7.11 -10.58 16.56
N GLU A 63 -6.01 -10.69 15.83
CA GLU A 63 -5.81 -11.85 14.95
C GLU A 63 -4.38 -12.35 15.11
N ASP A 64 -4.18 -13.64 14.88
CA ASP A 64 -2.85 -14.22 15.02
C ASP A 64 -2.24 -14.51 13.66
N PRO A 65 -1.10 -13.86 13.36
CA PRO A 65 -0.39 -14.09 12.08
C PRO A 65 0.01 -15.54 11.87
N LYS A 66 -0.10 -16.38 12.90
CA LYS A 66 0.34 -17.77 12.77
C LYS A 66 -0.84 -18.70 12.51
N ILE A 67 -2.03 -18.11 12.39
CA ILE A 67 -3.22 -18.88 12.07
C ILE A 67 -3.83 -18.33 10.79
N GLU A 68 -4.04 -17.03 10.76
CA GLU A 68 -4.54 -16.35 9.57
C GLU A 68 -3.39 -15.90 8.67
N THR A 69 -2.74 -16.88 8.05
CA THR A 69 -1.48 -16.66 7.34
C THR A 69 -1.68 -15.99 5.99
N ASN A 70 -2.73 -16.37 5.26
CA ASN A 70 -3.04 -15.70 4.00
C ASN A 70 -3.37 -14.23 4.25
N LYS A 71 -4.08 -13.95 5.35
CA LYS A 71 -4.40 -12.57 5.69
C LYS A 71 -3.11 -11.84 6.02
N PHE A 72 -2.26 -12.53 6.78
CA PHE A 72 -0.93 -12.06 7.14
C PHE A 72 -0.14 -11.65 5.89
N ALA A 73 -0.06 -12.56 4.93
CA ALA A 73 0.64 -12.30 3.67
C ALA A 73 0.02 -11.16 2.86
N ALA A 74 -1.31 -11.08 2.87
CA ALA A 74 -2.01 -10.01 2.16
C ALA A 74 -1.68 -8.64 2.74
N ILE A 75 -1.61 -8.59 4.07
CA ILE A 75 -1.39 -7.32 4.77
C ILE A 75 0.04 -6.83 4.52
N CYS A 76 0.98 -7.77 4.52
CA CYS A 76 2.38 -7.46 4.21
C CYS A 76 2.51 -6.88 2.81
N THR A 77 1.86 -7.53 1.84
CA THR A 77 1.92 -7.11 0.45
C THR A 77 1.38 -5.69 0.27
N HIS A 78 0.21 -5.43 0.86
CA HIS A 78 -0.45 -4.14 0.79
C HIS A 78 0.45 -3.06 1.44
N LEU A 79 1.06 -3.39 2.58
CA LEU A 79 2.02 -2.47 3.21
C LEU A 79 3.20 -2.12 2.32
N GLU A 80 3.82 -3.13 1.71
CA GLU A 80 4.99 -2.90 0.88
C GLU A 80 4.63 -2.01 -0.31
N VAL A 81 3.47 -2.26 -0.90
CA VAL A 81 2.99 -1.44 -2.01
C VAL A 81 2.86 0.02 -1.56
N CYS A 82 2.29 0.22 -0.38
CA CYS A 82 2.17 1.56 0.18
C CYS A 82 3.55 2.22 0.31
N PHE A 83 4.53 1.47 0.79
CA PHE A 83 5.89 1.98 0.93
C PHE A 83 6.56 2.23 -0.43
N MET A 84 6.38 1.31 -1.38
CA MET A 84 6.99 1.45 -2.70
C MET A 84 6.36 2.60 -3.47
N TYR A 85 5.09 2.84 -3.21
CA TYR A 85 4.34 3.94 -3.80
C TYR A 85 4.95 5.28 -3.40
N SER A 86 5.43 5.39 -2.17
CA SER A 86 6.01 6.64 -1.67
C SER A 86 7.52 6.70 -1.89
N ASP A 87 8.13 5.54 -2.14
CA ASP A 87 9.58 5.44 -2.32
C ASP A 87 10.07 6.38 -3.42
N PHE A 88 11.13 7.10 -3.10
CA PHE A 88 11.91 7.91 -4.04
C PHE A 88 11.16 9.11 -4.60
N HIS A 89 10.27 9.70 -3.80
CA HIS A 89 9.38 10.76 -4.29
C HIS A 89 9.41 11.92 -3.32
N PHE A 90 9.90 13.05 -3.82
CA PHE A 90 10.08 14.22 -2.99
C PHE A 90 9.48 15.43 -3.68
N ILE A 91 9.39 16.53 -2.94
CA ILE A 91 9.07 17.80 -3.54
C ILE A 91 10.29 18.70 -3.40
N ASP A 92 10.75 19.23 -4.52
CA ASP A 92 12.07 19.82 -4.60
C ASP A 92 12.15 21.18 -3.93
N GLU A 93 13.33 21.77 -3.99
CA GLU A 93 13.62 23.08 -3.42
C GLU A 93 12.74 24.15 -4.05
N ARG A 94 12.28 23.89 -5.28
CA ARG A 94 11.43 24.83 -6.00
C ARG A 94 9.95 24.50 -5.89
N GLY A 95 9.63 23.36 -5.26
CA GLY A 95 8.24 23.02 -4.97
C GLY A 95 7.54 22.20 -6.02
N GLU A 96 8.31 21.50 -6.85
CA GLU A 96 7.74 20.58 -7.83
C GLU A 96 8.14 19.16 -7.43
N SER A 97 7.69 18.16 -8.19
CA SER A 97 7.78 16.75 -7.74
C SER A 97 8.92 16.06 -8.48
N ILE A 98 9.84 15.48 -7.73
CA ILE A 98 11.02 14.86 -8.32
C ILE A 98 11.25 13.44 -7.82
N ILE A 99 12.29 12.82 -8.39
CA ILE A 99 12.66 11.44 -8.07
C ILE A 99 14.16 11.36 -7.76
N VAL A 100 14.48 10.82 -6.59
CA VAL A 100 15.86 10.58 -6.20
C VAL A 100 15.94 9.11 -5.73
N GLU A 101 16.87 8.39 -6.33
CA GLU A 101 17.04 6.97 -6.08
C GLU A 101 18.09 6.62 -5.03
N SER A 102 18.61 7.63 -4.34
CA SER A 102 19.58 7.39 -3.27
C SER A 102 19.06 7.94 -1.94
N GLY A 103 19.80 7.68 -0.87
CA GLY A 103 19.52 8.25 0.44
C GLY A 103 20.39 9.46 0.68
N ASP A 104 21.44 9.56 -0.12
CA ASP A 104 22.40 10.68 -0.08
C ASP A 104 21.85 12.05 -0.60
N PRO A 105 20.73 12.08 -1.34
CA PRO A 105 20.28 13.43 -1.73
C PRO A 105 19.67 14.26 -0.60
N ASN A 106 19.33 15.50 -0.98
CA ASN A 106 19.40 16.68 -0.13
C ASN A 106 18.33 16.70 0.94
N ALA A 107 18.77 16.89 2.18
CA ALA A 107 17.95 16.79 3.37
C ALA A 107 16.91 17.91 3.46
N LEU A 108 16.99 18.88 2.56
CA LEU A 108 15.97 19.91 2.45
C LEU A 108 14.79 19.44 1.61
N LEU A 109 14.93 18.29 0.96
CA LEU A 109 13.82 17.77 0.18
C LEU A 109 12.78 17.21 1.15
N LYS A 110 11.51 17.49 0.85
CA LYS A 110 10.42 16.93 1.63
C LYS A 110 9.80 15.75 0.89
N HIS A 111 9.49 14.68 1.62
CA HIS A 111 8.76 13.56 1.07
C HIS A 111 7.43 14.02 0.48
N ARG A 112 7.14 13.54 -0.73
CA ARG A 112 5.90 13.88 -1.39
C ARG A 112 4.71 13.26 -0.68
N PHE A 113 4.89 12.04 -0.15
CA PHE A 113 3.77 11.33 0.47
C PHE A 113 3.95 11.20 1.97
N GLU A 114 2.83 11.33 2.68
CA GLU A 114 2.74 10.86 4.06
C GLU A 114 2.18 9.46 4.05
N ILE A 115 2.75 8.58 4.87
CA ILE A 115 2.29 7.21 4.94
C ILE A 115 1.45 7.01 6.20
N ILE A 116 0.16 6.72 6.00
CA ILE A 116 -0.78 6.50 7.09
C ILE A 116 -0.88 5.02 7.50
N GLU A 117 -0.92 4.14 6.51
CA GLU A 117 -0.96 2.70 6.75
C GLU A 117 0.30 2.30 7.54
N GLY A 118 0.17 1.25 8.34
CA GLY A 118 1.28 0.78 9.16
C GLY A 118 1.32 1.38 10.56
N ARG A 119 0.55 2.45 10.78
CA ARG A 119 0.46 3.08 12.11
C ARG A 119 -0.72 2.52 12.89
N ASP A 120 -0.59 2.46 14.22
CA ASP A 120 -1.70 2.06 15.08
C ASP A 120 -2.79 3.14 15.01
N ARG A 121 -4.02 2.79 15.40
CA ARG A 121 -5.17 3.66 15.20
C ARG A 121 -4.96 5.07 15.73
N ILE A 122 -4.42 5.18 16.93
CA ILE A 122 -4.20 6.46 17.58
C ILE A 122 -3.28 7.37 16.77
N MET A 123 -2.13 6.82 16.36
CA MET A 123 -1.14 7.60 15.65
C MET A 123 -1.59 7.90 14.22
N ALA A 124 -2.27 6.94 13.60
CA ALA A 124 -2.79 7.12 12.26
C ALA A 124 -3.76 8.30 12.20
N TRP A 125 -4.68 8.36 13.16
CA TRP A 125 -5.65 9.45 13.22
C TRP A 125 -5.01 10.77 13.64
N THR A 126 -3.97 10.68 14.47
CA THR A 126 -3.22 11.86 14.87
C THR A 126 -2.61 12.54 13.65
N VAL A 127 -2.03 11.74 12.76
CA VAL A 127 -1.42 12.25 11.54
C VAL A 127 -2.47 12.82 10.59
N VAL A 128 -3.57 12.08 10.40
CA VAL A 128 -4.68 12.53 9.57
C VAL A 128 -5.22 13.88 10.06
N ASN A 129 -5.39 14.02 11.37
CA ASN A 129 -5.89 15.26 11.95
C ASN A 129 -4.93 16.42 11.71
N SER A 130 -3.63 16.14 11.84
CA SER A 130 -2.61 17.16 11.61
C SER A 130 -2.65 17.63 10.16
N ILE A 131 -2.72 16.67 9.24
CA ILE A 131 -2.80 16.97 7.81
C ILE A 131 -4.01 17.84 7.52
N CYS A 132 -5.16 17.42 8.05
CA CYS A 132 -6.44 18.06 7.79
C CYS A 132 -6.46 19.50 8.29
N ASN A 133 -5.74 19.75 9.38
CA ASN A 133 -5.76 21.06 10.01
C ASN A 133 -4.81 22.02 9.29
N THR A 134 -3.62 21.54 8.97
CA THR A 134 -2.66 22.28 8.16
C THR A 134 -3.15 22.69 6.77
N THR A 135 -3.53 21.70 5.96
CA THR A 135 -3.88 21.97 4.56
C THR A 135 -5.34 22.40 4.40
N GLY A 136 -6.11 22.21 5.45
CA GLY A 136 -7.54 22.49 5.39
C GLY A 136 -8.35 21.52 4.57
N VAL A 137 -7.76 20.41 4.15
CA VAL A 137 -8.50 19.39 3.41
C VAL A 137 -9.49 18.70 4.34
N GLU A 138 -10.57 18.19 3.74
CA GLU A 138 -11.64 17.54 4.50
C GLU A 138 -11.18 16.25 5.14
N LYS A 139 -11.74 15.94 6.31
CA LYS A 139 -11.34 14.77 7.08
C LYS A 139 -12.02 13.51 6.55
N PRO A 140 -11.24 12.46 6.23
CA PRO A 140 -11.84 11.25 5.70
C PRO A 140 -12.56 10.49 6.81
N LYS A 141 -13.55 9.69 6.44
CA LYS A 141 -14.36 8.96 7.39
C LYS A 141 -13.72 7.65 7.86
N PHE A 142 -12.83 7.14 7.05
CA PHE A 142 -12.04 5.96 7.35
C PHE A 142 -10.57 6.28 7.11
N LEU A 143 -9.68 5.58 7.80
CA LEU A 143 -8.25 5.78 7.58
C LEU A 143 -7.86 5.43 6.15
N PRO A 144 -7.20 6.36 5.47
CA PRO A 144 -6.66 6.04 4.15
C PRO A 144 -5.25 5.49 4.29
N ASP A 145 -4.61 5.21 3.16
CA ASP A 145 -3.25 4.69 3.17
C ASP A 145 -2.17 5.76 3.09
N LEU A 146 -2.38 6.79 2.27
CA LEU A 146 -1.36 7.81 2.05
C LEU A 146 -1.96 9.20 1.98
N TYR A 147 -1.13 10.22 2.15
CA TYR A 147 -1.47 11.58 1.73
C TYR A 147 -0.43 12.11 0.75
N ASP A 148 -0.90 12.78 -0.29
CA ASP A 148 -0.03 13.27 -1.35
C ASP A 148 0.06 14.80 -1.24
N TYR A 149 1.24 15.29 -0.86
CA TYR A 149 1.42 16.72 -0.63
C TYR A 149 1.45 17.53 -1.92
N LYS A 150 1.73 16.87 -3.04
CA LYS A 150 1.75 17.57 -4.31
C LYS A 150 0.31 17.78 -4.80
N GLU A 151 -0.46 16.69 -4.78
CA GLU A 151 -1.82 16.72 -5.29
C GLU A 151 -2.83 17.15 -4.23
N ASN A 152 -2.37 17.23 -2.98
CA ASN A 152 -3.19 17.65 -1.86
C ASN A 152 -4.42 16.77 -1.66
N ARG A 153 -4.21 15.46 -1.58
CA ARG A 153 -5.32 14.53 -1.43
C ARG A 153 -4.87 13.25 -0.75
N PHE A 154 -5.79 12.62 -0.01
CA PHE A 154 -5.58 11.27 0.51
C PHE A 154 -5.72 10.20 -0.57
N ILE A 155 -4.99 9.10 -0.38
CA ILE A 155 -5.04 8.00 -1.32
C ILE A 155 -5.39 6.68 -0.64
N GLU A 156 -6.36 5.97 -1.20
CA GLU A 156 -6.62 4.58 -0.83
C GLU A 156 -5.99 3.62 -1.81
N ILE A 157 -5.06 2.82 -1.31
CA ILE A 157 -4.38 1.84 -2.14
C ILE A 157 -5.08 0.49 -1.98
N GLY A 158 -5.20 -0.25 -3.07
CA GLY A 158 -5.68 -1.61 -2.95
C GLY A 158 -4.88 -2.60 -3.78
N VAL A 159 -4.85 -3.82 -3.26
CA VAL A 159 -4.17 -4.93 -3.91
C VAL A 159 -5.13 -6.11 -3.91
N THR A 160 -5.47 -6.59 -5.10
CA THR A 160 -6.50 -7.60 -5.21
C THR A 160 -6.05 -8.82 -6.00
N ARG A 161 -6.57 -9.97 -5.59
CA ARG A 161 -6.40 -11.23 -6.29
C ARG A 161 -7.56 -11.47 -7.24
N ARG A 162 -8.42 -10.46 -7.34
CA ARG A 162 -9.57 -10.54 -8.23
C ARG A 162 -9.52 -9.40 -9.22
N GLU A 163 -10.52 -9.35 -10.09
CA GLU A 163 -10.63 -8.30 -11.10
C GLU A 163 -10.65 -6.89 -10.50
N VAL A 164 -9.71 -6.05 -10.93
CA VAL A 164 -9.56 -4.70 -10.38
C VAL A 164 -10.85 -3.87 -10.49
N HIS A 165 -11.54 -3.93 -11.63
CA HIS A 165 -12.79 -3.18 -11.83
C HIS A 165 -13.83 -3.49 -10.75
N ILE A 166 -13.74 -4.69 -10.20
CA ILE A 166 -14.65 -5.13 -9.14
C ILE A 166 -14.21 -4.60 -7.79
N TYR A 167 -12.96 -4.88 -7.42
CA TYR A 167 -12.41 -4.43 -6.14
C TYR A 167 -12.55 -2.92 -6.02
N TYR A 168 -12.35 -2.20 -7.13
CA TYR A 168 -12.46 -0.75 -7.15
C TYR A 168 -13.83 -0.29 -6.66
N LEU A 169 -14.88 -0.90 -7.20
CA LEU A 169 -16.23 -0.53 -6.84
C LEU A 169 -16.50 -0.80 -5.37
N GLU A 170 -15.98 -1.90 -4.85
CA GLU A 170 -16.11 -2.18 -3.42
C GLU A 170 -15.50 -1.06 -2.58
N LYS A 171 -14.29 -0.65 -2.96
CA LYS A 171 -13.60 0.42 -2.25
C LYS A 171 -14.34 1.73 -2.43
N ALA A 172 -14.78 1.97 -3.66
CA ALA A 172 -15.43 3.22 -4.04
C ALA A 172 -16.75 3.40 -3.30
N ASN A 173 -17.43 2.30 -3.04
CA ASN A 173 -18.75 2.36 -2.43
C ASN A 173 -18.68 2.47 -0.91
N LYS A 174 -17.51 2.20 -0.34
CA LYS A 174 -17.35 2.37 1.09
C LYS A 174 -17.06 3.83 1.43
N ILE A 175 -16.19 4.48 0.64
CA ILE A 175 -15.76 5.84 0.97
C ILE A 175 -16.89 6.87 0.83
N LYS A 176 -18.04 6.44 0.28
CA LYS A 176 -19.16 7.34 -0.02
C LYS A 176 -18.76 8.50 -0.92
N SER A 177 -18.91 9.72 -0.39
CA SER A 177 -18.53 10.92 -1.12
C SER A 177 -17.01 10.87 -1.23
N GLU A 178 -16.45 11.46 -2.27
CA GLU A 178 -15.04 11.25 -2.55
C GLU A 178 -14.28 12.55 -2.83
N LYS A 179 -13.29 12.84 -1.97
CA LYS A 179 -12.05 13.41 -2.45
C LYS A 179 -10.90 12.42 -2.37
N THR A 180 -11.13 11.29 -1.69
CA THR A 180 -10.06 10.31 -1.48
C THR A 180 -9.76 9.61 -2.81
N HIS A 181 -8.51 9.63 -3.24
CA HIS A 181 -8.15 8.99 -4.49
C HIS A 181 -7.96 7.48 -4.30
N ILE A 182 -8.51 6.69 -5.21
CA ILE A 182 -8.35 5.24 -5.17
C ILE A 182 -7.42 4.74 -6.27
N HIS A 183 -6.48 3.88 -5.91
CA HIS A 183 -5.58 3.27 -6.87
C HIS A 183 -5.48 1.77 -6.60
N ILE A 184 -5.92 0.96 -7.56
CA ILE A 184 -5.93 -0.49 -7.40
C ILE A 184 -4.87 -1.17 -8.25
N PHE A 185 -4.10 -2.05 -7.60
CA PHE A 185 -3.17 -2.93 -8.30
C PHE A 185 -3.65 -4.38 -8.21
N SER A 186 -3.35 -5.16 -9.24
CA SER A 186 -3.61 -6.60 -9.18
C SER A 186 -2.27 -7.32 -9.27
N PHE A 187 -2.30 -8.65 -9.15
CA PHE A 187 -1.07 -9.43 -9.24
C PHE A 187 -0.73 -9.75 -10.69
N THR A 188 -1.68 -9.51 -11.59
CA THR A 188 -1.47 -9.79 -13.01
C THR A 188 -1.14 -8.55 -13.85
N GLY A 189 -0.95 -7.42 -13.19
CA GLY A 189 -0.51 -6.21 -13.90
C GLY A 189 -1.54 -5.16 -14.23
N GLU A 190 -2.82 -5.47 -14.07
CA GLU A 190 -3.88 -4.48 -14.27
C GLU A 190 -3.89 -3.39 -13.19
N GLU A 191 -4.22 -2.16 -13.59
CA GLU A 191 -4.48 -1.10 -12.62
C GLU A 191 -5.83 -0.46 -12.92
N MET A 192 -6.42 0.12 -11.88
CA MET A 192 -7.56 1.01 -12.06
C MET A 192 -7.44 2.12 -11.02
N ALA A 193 -7.63 3.36 -11.45
CA ALA A 193 -7.53 4.49 -10.53
C ALA A 193 -8.59 5.54 -10.83
N THR A 194 -9.00 6.27 -9.80
CA THR A 194 -10.05 7.28 -9.91
C THR A 194 -9.82 8.25 -11.05
N LYS A 195 -10.82 8.41 -11.90
CA LYS A 195 -10.81 9.39 -12.98
C LYS A 195 -9.63 9.20 -13.92
N ALA A 196 -9.08 7.99 -13.97
CA ALA A 196 -7.95 7.65 -14.83
C ALA A 196 -6.72 8.51 -14.50
N ASP A 197 -6.64 8.95 -13.25
CA ASP A 197 -5.50 9.74 -12.79
C ASP A 197 -4.63 8.81 -11.95
N TYR A 198 -3.44 8.51 -12.45
CA TYR A 198 -2.64 7.43 -11.89
C TYR A 198 -1.52 7.93 -11.00
N THR A 199 -1.46 9.25 -10.81
CA THR A 199 -0.55 9.89 -9.85
C THR A 199 0.93 9.76 -10.19
N LEU A 200 1.42 8.53 -10.31
CA LEU A 200 2.85 8.30 -10.49
C LEU A 200 3.24 8.03 -11.94
N ASP A 201 4.52 8.21 -12.23
CA ASP A 201 5.08 7.87 -13.53
C ASP A 201 4.95 6.37 -13.80
N GLU A 202 5.07 6.00 -15.06
CA GLU A 202 5.02 4.60 -15.48
C GLU A 202 6.10 3.75 -14.83
N GLU A 203 7.29 4.33 -14.67
CA GLU A 203 8.43 3.58 -14.13
C GLU A 203 8.19 3.14 -12.68
N SER A 204 7.68 4.05 -11.85
CA SER A 204 7.37 3.73 -10.47
C SER A 204 6.34 2.60 -10.33
N ARG A 205 5.24 2.71 -11.07
CA ARG A 205 4.21 1.68 -11.04
C ARG A 205 4.66 0.35 -11.64
N ALA A 206 5.58 0.39 -12.60
CA ALA A 206 6.18 -0.83 -13.13
C ALA A 206 6.97 -1.56 -12.05
N ARG A 207 7.65 -0.82 -11.18
CA ARG A 207 8.36 -1.41 -10.06
C ARG A 207 7.41 -2.20 -9.16
N ILE A 208 6.27 -1.59 -8.87
CA ILE A 208 5.26 -2.20 -8.01
C ILE A 208 4.72 -3.46 -8.65
N LYS A 209 4.34 -3.38 -9.91
CA LYS A 209 3.81 -4.55 -10.63
C LYS A 209 4.80 -5.69 -10.73
N THR A 210 6.08 -5.35 -10.87
CA THR A 210 7.13 -6.35 -10.97
C THR A 210 7.25 -7.10 -9.65
N ARG A 211 7.18 -6.36 -8.55
CA ARG A 211 7.26 -6.93 -7.22
C ARG A 211 6.07 -7.87 -6.97
N LEU A 212 4.88 -7.43 -7.35
CA LEU A 212 3.68 -8.25 -7.20
C LEU A 212 3.77 -9.51 -8.04
N PHE A 213 4.25 -9.37 -9.26
CA PHE A 213 4.47 -10.51 -10.15
C PHE A 213 5.45 -11.49 -9.53
N THR A 214 6.49 -10.95 -8.91
CA THR A 214 7.56 -11.76 -8.31
C THR A 214 7.01 -12.51 -7.10
N ILE A 215 6.19 -11.83 -6.32
CA ILE A 215 5.53 -12.44 -5.17
C ILE A 215 4.66 -13.61 -5.61
N ARG A 216 3.81 -13.37 -6.60
CA ARG A 216 2.91 -14.39 -7.14
C ARG A 216 3.67 -15.63 -7.65
N GLN A 217 4.74 -15.39 -8.41
CA GLN A 217 5.52 -16.49 -8.99
C GLN A 217 6.17 -17.34 -7.91
N GLU A 218 6.69 -16.67 -6.87
CA GLU A 218 7.41 -17.34 -5.81
C GLU A 218 6.44 -18.18 -4.96
N MET A 219 5.27 -17.62 -4.68
CA MET A 219 4.22 -18.35 -4.00
C MET A 219 3.87 -19.62 -4.78
N ALA A 220 3.79 -19.48 -6.09
CA ALA A 220 3.44 -20.59 -6.98
C ALA A 220 4.45 -21.73 -6.86
N SER A 221 5.73 -21.37 -6.73
CA SER A 221 6.80 -22.37 -6.67
C SER A 221 6.78 -23.13 -5.34
N ARG A 222 6.20 -22.52 -4.31
CA ARG A 222 6.05 -23.20 -3.02
C ARG A 222 4.65 -23.80 -2.92
N SER A 223 3.91 -23.75 -4.03
CA SER A 223 2.53 -24.23 -4.08
C SER A 223 1.66 -23.56 -3.04
N LEU A 224 1.92 -22.26 -2.82
CA LEU A 224 1.11 -21.45 -1.92
C LEU A 224 0.12 -20.56 -2.64
N TRP A 225 0.23 -20.46 -3.95
CA TRP A 225 -0.50 -19.44 -4.69
C TRP A 225 -1.98 -19.74 -4.79
N ASP A 226 -2.32 -20.95 -5.25
CA ASP A 226 -3.70 -21.31 -5.53
C ASP A 226 -4.59 -21.14 -4.30
N SER A 227 -4.08 -21.54 -3.14
CA SER A 227 -4.80 -21.38 -1.88
C SER A 227 -4.97 -19.91 -1.50
N PHE A 228 -3.85 -19.18 -1.50
CA PHE A 228 -3.83 -17.74 -1.28
C PHE A 228 -4.83 -16.97 -2.14
N ARG A 229 -4.85 -17.26 -3.43
CA ARG A 229 -5.77 -16.60 -4.38
C ARG A 229 -7.25 -16.77 -4.03
N GLN A 230 -7.62 -18.00 -3.64
CA GLN A 230 -9.02 -18.32 -3.38
C GLN A 230 -9.52 -17.81 -2.03
N SER A 231 -8.60 -17.37 -1.17
CA SER A 231 -8.97 -16.99 0.18
C SER A 231 -9.52 -15.56 0.29
N GLU A 232 -9.33 -14.75 -0.75
CA GLU A 232 -9.72 -13.35 -0.68
C GLU A 232 -11.23 -13.21 -0.54
MN MN B . -5.73 0.21 1.17
MN MN C . -5.17 1.05 5.02
S SO4 D . -5.99 -18.50 6.13
O1 SO4 D . -4.65 -19.06 6.17
O2 SO4 D . -6.78 -19.04 7.23
O3 SO4 D . -5.93 -17.05 6.25
O4 SO4 D . -6.64 -18.84 4.85
O01 21A E . -5.92 -0.19 3.34
C02 21A E . -6.08 -1.37 3.55
C03 21A E . -6.59 -2.22 2.53
O04 21A E . -6.92 -1.69 1.27
C05 21A E . -6.77 -3.58 2.78
C06 21A E . -6.45 -4.18 4.01
C07 21A E . -6.71 -5.67 4.08
C08 21A E . -5.69 -6.58 3.92
C09 21A E . -5.96 -7.94 3.93
C10 21A E . -7.27 -8.37 4.10
C11 21A E . -7.59 -9.86 4.11
N12 21A E . -8.62 -10.46 4.73
N13 21A E . -8.54 -11.78 4.47
N14 21A E . -7.47 -11.99 3.68
N15 21A E . -6.88 -10.80 3.46
C16 21A E . -8.30 -7.46 4.24
C17 21A E . -8.02 -6.11 4.22
C18 21A E . -5.93 -3.38 5.08
N19 21A E . -5.73 -1.94 4.84
C20 21A E . -5.56 -3.92 6.45
C21 21A E . -6.50 -4.57 7.23
C22 21A E . -6.15 -5.05 8.49
C23 21A E . -4.86 -4.87 8.96
F24 21A E . -4.52 -5.33 10.17
C25 21A E . -3.92 -4.21 8.17
C26 21A E . -4.27 -3.73 6.92
MG MG F . -5.22 -0.36 8.84
#